data_4YNE
#
_entry.id   4YNE
#
_cell.length_a   105.747
_cell.length_b   105.747
_cell.length_c   204.684
_cell.angle_alpha   90.00
_cell.angle_beta   90.00
_cell.angle_gamma   120.00
#
_symmetry.space_group_name_H-M   'H 3 2'
#
loop_
_entity.id
_entity.type
_entity.pdbx_description
1 polymer 'High affinity nerve growth factor receptor'
2 non-polymer 6-[(2R)-2-(3-fluorophenyl)pyrrolidin-1-yl]-3-(pyridin-2-yl)imidazo[1,2-b]pyridazine
3 non-polymer 'SULFATE ION'
4 non-polymer GLYCEROL
5 water water
#
_entity_poly.entity_id   1
_entity_poly.type   'polypeptide(L)'
_entity_poly.pdbx_seq_one_letter_code
;GAMGSGIRVHHIKRRDIVLKWELGEGAFGKVFLAECHNLLPEQDKMLVAVKALKEASESARQDFQREAELLTMLQHQHIV
RFFGVCTEGRPLLMVFEYMRHGDLNRFLRSHGPDAKLLAGGEDVAPGPLGLGQLLAVASQVAAGMVYLAGLHFVHRDLAT
RNCLVGQGLVVKIGDFGMSRDIYSTDYYRVGGRTMLPIRWMPPESILYRKFTTESDVWSFGVVLWEIFTYGKQPWYQLSN
TEAIDCITQGRELERPRACPPEVYAIMRGCWQREPQQRHSIKDVHARLQALAQAPPVYLDVLG
;
_entity_poly.pdbx_strand_id   A
#
# COMPACT_ATOMS: atom_id res chain seq x y z
N GLY A 4 -6.27 15.56 -28.29
CA GLY A 4 -6.57 14.16 -28.46
C GLY A 4 -7.51 13.62 -27.40
N SER A 5 -8.18 12.52 -27.71
CA SER A 5 -9.10 11.87 -26.79
C SER A 5 -8.39 11.32 -25.56
N GLY A 6 -9.10 11.30 -24.43
CA GLY A 6 -8.60 10.69 -23.22
C GLY A 6 -9.50 10.99 -22.03
N ILE A 7 -9.09 10.54 -20.86
CA ILE A 7 -9.81 10.80 -19.62
C ILE A 7 -9.75 12.28 -19.24
N ARG A 8 -10.88 12.83 -18.84
CA ARG A 8 -10.90 14.21 -18.36
C ARG A 8 -10.34 14.24 -16.96
N VAL A 9 -9.24 14.97 -16.78
CA VAL A 9 -8.62 15.11 -15.48
C VAL A 9 -9.04 16.45 -14.89
N HIS A 10 -9.54 16.44 -13.67
CA HIS A 10 -9.95 17.69 -13.01
C HIS A 10 -8.75 18.60 -12.79
N HIS A 11 -8.88 19.87 -13.16
CA HIS A 11 -7.83 20.84 -12.86
C HIS A 11 -8.19 21.77 -11.68
N ILE A 12 -7.19 22.10 -10.87
CA ILE A 12 -7.38 22.95 -9.69
C ILE A 12 -6.52 24.21 -9.81
N LYS A 13 -7.13 25.38 -9.65
CA LYS A 13 -6.39 26.64 -9.68
C LYS A 13 -5.34 26.69 -8.60
N ARG A 14 -4.21 27.35 -8.86
CA ARG A 14 -3.11 27.33 -7.90
C ARG A 14 -3.38 28.17 -6.65
N ARG A 15 -4.03 29.31 -6.80
CA ARG A 15 -4.33 30.18 -5.65
C ARG A 15 -5.37 29.52 -4.75
N ASP A 16 -5.82 28.36 -5.17
CA ASP A 16 -6.79 27.56 -4.45
C ASP A 16 -6.11 26.54 -3.53
N ILE A 17 -4.81 26.35 -3.75
CA ILE A 17 -4.02 25.44 -2.93
C ILE A 17 -3.08 26.25 -2.05
N VAL A 18 -3.19 26.08 -0.73
CA VAL A 18 -2.29 26.74 0.20
C VAL A 18 -1.46 25.67 0.91
N LEU A 19 -0.18 25.59 0.57
CA LEU A 19 0.69 24.57 1.16
C LEU A 19 0.96 24.92 2.63
N LYS A 20 0.93 23.93 3.51
CA LYS A 20 1.12 24.17 4.93
C LYS A 20 2.52 23.71 5.35
N TRP A 21 2.84 22.46 5.05
CA TRP A 21 4.16 21.94 5.33
C TRP A 21 4.38 20.56 4.71
N GLU A 22 5.63 20.17 4.62
CA GLU A 22 5.97 18.86 4.10
C GLU A 22 5.51 17.75 5.05
N LEU A 23 4.97 16.68 4.49
CA LEU A 23 4.55 15.51 5.25
C LEU A 23 5.58 14.41 5.09
N GLY A 24 6.19 14.34 3.90
CA GLY A 24 7.13 13.27 3.60
C GLY A 24 7.89 13.41 2.30
N GLU A 25 9.01 12.68 2.22
CA GLU A 25 9.88 12.62 1.05
C GLU A 25 10.25 11.18 0.78
N GLY A 26 10.61 10.87 -0.46
CA GLY A 26 11.02 9.53 -0.79
C GLY A 26 10.89 9.18 -2.26
N ALA A 27 10.73 7.89 -2.54
CA ALA A 27 10.60 7.40 -3.92
C ALA A 27 9.40 8.02 -4.63
N PHE A 28 8.46 8.52 -3.84
CA PHE A 28 7.22 9.10 -4.35
C PHE A 28 7.31 10.60 -4.60
N GLY A 29 8.40 11.22 -4.21
CA GLY A 29 8.56 12.66 -4.37
C GLY A 29 8.37 13.41 -3.06
N LYS A 30 7.99 14.68 -3.15
CA LYS A 30 7.64 15.48 -1.98
C LYS A 30 6.13 15.59 -1.83
N VAL A 31 5.64 15.27 -0.64
CA VAL A 31 4.22 15.36 -0.33
C VAL A 31 4.01 16.41 0.76
N PHE A 32 3.06 17.32 0.52
CA PHE A 32 2.74 18.38 1.47
C PHE A 32 1.32 18.24 1.99
N LEU A 33 1.12 18.72 3.23
CA LEU A 33 -0.23 18.99 3.74
C LEU A 33 -0.64 20.36 3.24
N ALA A 34 -1.90 20.50 2.83
CA ALA A 34 -2.37 21.75 2.25
C ALA A 34 -3.85 21.97 2.51
N GLU A 35 -4.27 23.22 2.44
CA GLU A 35 -5.70 23.52 2.45
C GLU A 35 -6.14 23.71 1.00
N CYS A 36 -7.33 23.21 0.66
CA CYS A 36 -7.87 23.43 -0.67
C CYS A 36 -9.23 24.15 -0.67
N HIS A 37 -9.35 25.19 -1.48
CA HIS A 37 -10.61 25.87 -1.72
C HIS A 37 -10.76 25.76 -3.24
N ASN A 38 -11.92 25.41 -3.80
CA ASN A 38 -13.16 25.02 -3.19
C ASN A 38 -13.25 23.66 -3.85
N LEU A 39 -13.01 22.58 -3.13
CA LEU A 39 -13.04 21.26 -3.74
C LEU A 39 -14.41 20.67 -3.63
N LEU A 40 -14.81 20.38 -2.42
CA LEU A 40 -16.13 19.84 -2.13
C LEU A 40 -16.86 20.83 -1.22
N PRO A 41 -17.97 21.40 -1.72
CA PRO A 41 -18.67 22.45 -0.98
C PRO A 41 -19.35 21.95 0.29
N ASP A 44 -16.07 23.85 1.81
CA ASP A 44 -15.69 25.25 1.72
C ASP A 44 -14.19 25.37 1.68
N LYS A 45 -13.55 24.72 2.65
CA LYS A 45 -12.11 24.67 2.78
C LYS A 45 -11.83 23.29 3.36
N MET A 46 -10.71 22.68 3.00
CA MET A 46 -10.42 21.36 3.51
C MET A 46 -8.99 20.96 3.33
N LEU A 47 -8.52 20.12 4.23
CA LEU A 47 -7.17 19.60 4.13
C LEU A 47 -7.05 18.56 3.02
N VAL A 48 -5.92 18.60 2.31
CA VAL A 48 -5.59 17.59 1.31
C VAL A 48 -4.10 17.29 1.36
N ALA A 49 -3.70 16.21 0.71
CA ALA A 49 -2.29 15.96 0.49
C ALA A 49 -1.95 16.32 -0.93
N VAL A 50 -0.82 17.00 -1.10
CA VAL A 50 -0.37 17.46 -2.41
C VAL A 50 1.00 16.91 -2.73
N LYS A 51 1.12 16.21 -3.86
CA LYS A 51 2.42 15.75 -4.32
C LYS A 51 2.95 16.70 -5.37
N ALA A 52 4.06 17.37 -5.03
CA ALA A 52 4.72 18.28 -5.95
C ALA A 52 5.80 17.50 -6.67
N LEU A 53 5.79 17.53 -7.99
CA LEU A 53 6.77 16.75 -8.75
C LEU A 53 8.05 17.55 -8.94
N LYS A 54 9.17 16.87 -8.71
CA LYS A 54 10.49 17.50 -8.78
C LYS A 54 10.78 18.08 -10.17
N GLU A 55 10.97 17.20 -11.15
CA GLU A 55 11.31 17.64 -12.51
C GLU A 55 10.09 18.17 -13.26
N ARG A 61 7.11 15.28 -17.40
CA ARG A 61 6.07 16.09 -18.03
C ARG A 61 5.03 15.22 -18.74
N GLN A 62 5.49 14.31 -19.60
CA GLN A 62 4.61 13.42 -20.32
C GLN A 62 4.05 12.32 -19.40
N ASP A 63 4.91 11.78 -18.55
CA ASP A 63 4.50 10.75 -17.61
C ASP A 63 3.40 11.25 -16.69
N PHE A 64 3.47 12.53 -16.33
CA PHE A 64 2.53 13.14 -15.40
C PHE A 64 1.09 13.02 -15.89
N GLN A 65 0.85 13.38 -17.15
CA GLN A 65 -0.50 13.34 -17.70
C GLN A 65 -1.05 11.91 -17.75
N ARG A 66 -0.20 10.96 -18.11
CA ARG A 66 -0.59 9.55 -18.14
C ARG A 66 -0.98 9.07 -16.75
N GLU A 67 -0.15 9.41 -15.77
CA GLU A 67 -0.42 9.10 -14.38
C GLU A 67 -1.73 9.70 -13.91
N ALA A 68 -1.93 10.98 -14.22
CA ALA A 68 -3.14 11.69 -13.83
C ALA A 68 -4.38 11.03 -14.44
N GLU A 69 -4.26 10.63 -15.71
CA GLU A 69 -5.34 9.92 -16.40
C GLU A 69 -5.67 8.62 -15.68
N LEU A 70 -4.65 7.81 -15.40
CA LEU A 70 -4.85 6.52 -14.73
C LEU A 70 -5.40 6.70 -13.31
N LEU A 71 -4.83 7.66 -12.58
CA LEU A 71 -5.33 7.95 -11.23
C LEU A 71 -6.79 8.38 -11.29
N THR A 72 -7.17 9.11 -12.33
CA THR A 72 -8.56 9.51 -12.51
C THR A 72 -9.45 8.29 -12.71
N MET A 73 -8.95 7.30 -13.45
CA MET A 73 -9.76 6.12 -13.76
C MET A 73 -9.93 5.19 -12.57
N LEU A 74 -8.83 4.95 -11.87
CA LEU A 74 -8.81 3.99 -10.78
C LEU A 74 -9.39 4.59 -9.51
N GLN A 75 -10.70 4.56 -9.38
CA GLN A 75 -11.37 5.08 -8.20
C GLN A 75 -12.10 3.95 -7.49
N HIS A 76 -11.86 3.84 -6.20
CA HIS A 76 -12.40 2.74 -5.41
C HIS A 76 -12.36 3.12 -3.95
N GLN A 77 -13.21 2.49 -3.13
CA GLN A 77 -13.26 2.77 -1.70
C GLN A 77 -11.93 2.53 -1.00
N HIS A 78 -11.06 1.74 -1.62
CA HIS A 78 -9.79 1.41 -0.98
C HIS A 78 -8.61 1.79 -1.87
N ILE A 79 -8.85 2.79 -2.71
CA ILE A 79 -7.79 3.51 -3.40
C ILE A 79 -7.84 4.95 -2.89
N VAL A 80 -6.69 5.53 -2.57
CA VAL A 80 -6.68 6.87 -1.98
C VAL A 80 -7.33 7.81 -2.99
N ARG A 81 -8.24 8.65 -2.52
CA ARG A 81 -8.99 9.48 -3.43
C ARG A 81 -8.09 10.53 -4.08
N PHE A 82 -8.13 10.56 -5.42
CA PHE A 82 -7.40 11.53 -6.22
C PHE A 82 -8.36 12.62 -6.66
N PHE A 83 -8.03 13.88 -6.39
CA PHE A 83 -8.95 14.99 -6.71
C PHE A 83 -8.63 15.72 -8.00
N GLY A 84 -7.40 15.60 -8.48
CA GLY A 84 -7.03 16.30 -9.69
C GLY A 84 -5.65 16.89 -9.67
N VAL A 85 -5.36 17.76 -10.63
CA VAL A 85 -4.02 18.28 -10.80
C VAL A 85 -3.99 19.80 -10.83
N CYS A 86 -2.80 20.35 -10.61
CA CYS A 86 -2.56 21.76 -10.89
C CYS A 86 -1.33 21.85 -11.77
N THR A 87 -1.52 22.34 -12.99
CA THR A 87 -0.42 22.43 -13.94
C THR A 87 -0.22 23.86 -14.43
N GLU A 88 -0.79 24.84 -13.72
CA GLU A 88 -0.53 26.23 -14.08
C GLU A 88 0.74 26.72 -13.39
N GLY A 89 1.82 26.78 -14.17
CA GLY A 89 3.12 27.10 -13.62
C GLY A 89 3.73 25.90 -12.89
N ARG A 90 5.00 26.01 -12.54
CA ARG A 90 5.71 24.95 -11.83
C ARG A 90 5.68 25.21 -10.33
N PRO A 91 5.72 24.15 -9.52
CA PRO A 91 5.82 22.73 -9.88
C PRO A 91 4.46 22.10 -10.16
N LEU A 92 4.45 21.02 -10.93
CA LEU A 92 3.21 20.28 -11.18
C LEU A 92 2.72 19.67 -9.87
N LEU A 93 1.43 19.78 -9.62
CA LEU A 93 0.84 19.26 -8.40
C LEU A 93 -0.21 18.19 -8.66
N MET A 94 -0.16 17.13 -7.86
CA MET A 94 -1.24 16.17 -7.80
C MET A 94 -1.92 16.28 -6.45
N VAL A 95 -3.25 16.29 -6.45
CA VAL A 95 -3.98 16.53 -5.20
C VAL A 95 -4.79 15.32 -4.77
N PHE A 96 -4.62 14.95 -3.50
CA PHE A 96 -5.21 13.75 -2.91
C PHE A 96 -5.97 14.05 -1.61
N GLU A 97 -6.88 13.15 -1.22
CA GLU A 97 -7.42 13.27 0.13
C GLU A 97 -6.27 13.13 1.15
N TYR A 98 -6.42 13.79 2.29
CA TYR A 98 -5.39 13.69 3.33
C TYR A 98 -5.64 12.47 4.20
N MET A 99 -4.64 11.60 4.28
CA MET A 99 -4.76 10.39 5.09
C MET A 99 -3.98 10.61 6.39
N ARG A 100 -4.71 10.91 7.48
CA ARG A 100 -4.10 11.49 8.67
C ARG A 100 -3.07 10.60 9.36
N HIS A 101 -3.09 9.29 9.15
CA HIS A 101 -2.10 8.42 9.80
C HIS A 101 -0.92 7.99 8.91
N GLY A 102 -0.80 8.56 7.71
CA GLY A 102 0.43 8.37 6.95
C GLY A 102 0.52 6.98 6.31
N ASP A 103 1.74 6.55 5.98
CA ASP A 103 1.86 5.29 5.25
C ASP A 103 1.65 4.14 6.23
N LEU A 104 1.14 3.03 5.72
CA LEU A 104 0.82 1.88 6.57
C LEU A 104 2.05 1.24 7.23
N ASN A 105 3.21 1.24 6.58
CA ASN A 105 4.37 0.65 7.26
C ASN A 105 4.75 1.40 8.55
N ARG A 106 4.77 2.72 8.50
CA ARG A 106 5.12 3.49 9.69
C ARG A 106 4.03 3.40 10.76
N PHE A 107 2.78 3.37 10.30
CA PHE A 107 1.66 3.24 11.21
C PHE A 107 1.76 1.92 11.98
N LEU A 108 2.05 0.83 11.27
CA LEU A 108 2.25 -0.48 11.90
C LEU A 108 3.36 -0.45 12.94
N ARG A 109 4.51 0.06 12.53
CA ARG A 109 5.65 0.18 13.46
C ARG A 109 5.33 0.99 14.71
N SER A 110 4.59 2.08 14.54
CA SER A 110 4.25 2.92 15.71
C SER A 110 3.26 2.24 16.65
N HIS A 111 2.64 1.15 16.18
CA HIS A 111 1.74 0.38 17.05
C HIS A 111 2.31 -0.99 17.41
N GLY A 112 3.55 -1.25 17.06
CA GLY A 112 4.18 -2.52 17.38
C GLY A 112 4.57 -2.63 18.84
N PRO A 113 4.82 -3.85 19.31
CA PRO A 113 5.31 -4.06 20.68
C PRO A 113 6.64 -3.36 20.91
N ASP A 114 7.48 -3.29 19.88
CA ASP A 114 8.79 -2.68 19.99
C ASP A 114 8.75 -1.15 20.07
N ALA A 115 7.63 -0.56 19.67
CA ALA A 115 7.50 0.89 19.52
C ALA A 115 8.08 1.68 20.70
N LYS A 116 8.90 2.67 20.38
CA LYS A 116 9.61 3.45 21.39
C LYS A 116 8.73 4.51 22.05
N LEU A 117 7.78 5.04 21.29
CA LEU A 117 6.86 6.06 21.80
C LEU A 117 5.41 5.62 21.71
N LEU A 118 4.51 6.31 22.40
CA LEU A 118 3.09 6.01 22.31
C LEU A 118 2.50 6.75 21.12
N ALA A 119 1.52 6.14 20.45
CA ALA A 119 1.01 6.63 19.17
C ALA A 119 -0.48 6.96 19.19
N GLY A 120 -0.92 7.76 18.22
CA GLY A 120 -2.29 8.22 18.14
C GLY A 120 -2.35 9.71 18.43
N GLY A 121 -3.47 10.35 18.09
CA GLY A 121 -4.63 9.68 17.55
C GLY A 121 -5.75 9.54 18.57
N GLU A 122 -6.83 10.29 18.36
CA GLU A 122 -8.02 10.11 19.17
C GLU A 122 -8.92 9.04 18.55
N ASP A 123 -8.55 8.55 17.38
CA ASP A 123 -9.33 7.56 16.64
C ASP A 123 -8.85 6.11 16.79
N VAL A 124 -7.62 5.92 17.24
CA VAL A 124 -7.09 4.58 17.50
C VAL A 124 -6.31 4.53 18.81
N ALA A 125 -6.50 3.45 19.57
CA ALA A 125 -5.77 3.24 20.80
C ALA A 125 -4.28 3.15 20.54
N PRO A 126 -3.45 3.64 21.48
CA PRO A 126 -2.01 3.45 21.32
C PRO A 126 -1.62 2.00 21.57
N GLY A 127 -0.45 1.60 21.09
CA GLY A 127 0.02 0.26 21.40
C GLY A 127 -0.51 -0.72 20.37
N PRO A 128 -0.37 -2.02 20.66
CA PRO A 128 -0.68 -3.05 19.67
C PRO A 128 -2.16 -3.02 19.24
N LEU A 129 -2.38 -3.25 17.95
CA LEU A 129 -3.71 -3.36 17.37
C LEU A 129 -4.38 -4.65 17.79
N GLY A 130 -5.71 -4.68 17.80
CA GLY A 130 -6.45 -5.91 18.03
C GLY A 130 -6.33 -6.85 16.82
N LEU A 131 -6.57 -8.14 17.03
CA LEU A 131 -6.53 -9.09 15.92
C LEU A 131 -7.56 -8.69 14.86
N GLY A 132 -8.75 -8.31 15.33
CA GLY A 132 -9.81 -7.83 14.47
C GLY A 132 -9.36 -6.65 13.63
N GLN A 133 -8.63 -5.73 14.25
CA GLN A 133 -8.09 -4.57 13.53
C GLN A 133 -7.01 -4.94 12.50
N LEU A 134 -6.11 -5.85 12.88
CA LEU A 134 -5.08 -6.30 11.92
C LEU A 134 -5.76 -6.96 10.71
N LEU A 135 -6.82 -7.72 10.98
CA LEU A 135 -7.57 -8.38 9.90
C LEU A 135 -8.31 -7.37 9.04
N ALA A 136 -8.87 -6.33 9.66
CA ALA A 136 -9.54 -5.26 8.91
C ALA A 136 -8.55 -4.52 8.00
N VAL A 137 -7.34 -4.29 8.50
CA VAL A 137 -6.29 -3.67 7.69
C VAL A 137 -5.97 -4.55 6.46
N ALA A 138 -5.77 -5.85 6.70
CA ALA A 138 -5.47 -6.77 5.62
C ALA A 138 -6.60 -6.87 4.58
N SER A 139 -7.82 -7.00 5.09
CA SER A 139 -8.99 -7.12 4.23
C SER A 139 -9.16 -5.90 3.31
N GLN A 140 -8.95 -4.71 3.88
CA GLN A 140 -9.04 -3.47 3.10
C GLN A 140 -8.03 -3.37 1.97
N VAL A 141 -6.76 -3.71 2.25
CA VAL A 141 -5.74 -3.74 1.21
C VAL A 141 -6.13 -4.76 0.13
N ALA A 142 -6.60 -5.94 0.55
CA ALA A 142 -7.02 -6.96 -0.40
C ALA A 142 -8.16 -6.46 -1.28
N ALA A 143 -9.13 -5.80 -0.65
CA ALA A 143 -10.28 -5.25 -1.38
C ALA A 143 -9.77 -4.32 -2.49
N GLY A 144 -8.81 -3.46 -2.15
CA GLY A 144 -8.16 -2.61 -3.14
C GLY A 144 -7.53 -3.42 -4.29
N MET A 145 -6.90 -4.53 -3.96
CA MET A 145 -6.20 -5.35 -4.95
C MET A 145 -7.19 -6.09 -5.85
N VAL A 146 -8.35 -6.47 -5.29
CA VAL A 146 -9.43 -7.11 -6.05
C VAL A 146 -9.86 -6.19 -7.18
N TYR A 147 -10.08 -4.93 -6.83
CA TYR A 147 -10.47 -3.92 -7.81
C TYR A 147 -9.45 -3.83 -8.93
N LEU A 148 -8.18 -3.66 -8.58
CA LEU A 148 -7.13 -3.51 -9.56
C LEU A 148 -7.02 -4.75 -10.45
N ALA A 149 -7.15 -5.94 -9.87
CA ALA A 149 -7.06 -7.17 -10.68
C ALA A 149 -8.24 -7.25 -11.66
N GLY A 150 -9.40 -6.77 -11.22
CA GLY A 150 -10.56 -6.69 -12.10
C GLY A 150 -10.31 -5.83 -13.32
N LEU A 151 -9.42 -4.85 -13.22
CA LEU A 151 -9.11 -3.97 -14.35
C LEU A 151 -7.84 -4.43 -15.08
N HIS A 152 -7.31 -5.58 -14.67
CA HIS A 152 -6.04 -6.11 -15.17
C HIS A 152 -4.90 -5.10 -14.93
N PHE A 153 -5.04 -4.32 -13.87
CA PHE A 153 -3.96 -3.45 -13.45
C PHE A 153 -2.98 -4.26 -12.60
N VAL A 154 -1.72 -4.20 -12.98
CA VAL A 154 -0.70 -4.94 -12.26
C VAL A 154 0.16 -3.96 -11.46
N HIS A 155 0.14 -4.10 -10.14
CA HIS A 155 0.91 -3.24 -9.23
C HIS A 155 2.29 -3.84 -9.05
N ARG A 156 3.34 -3.17 -9.48
CA ARG A 156 4.63 -3.85 -9.40
C ARG A 156 5.38 -3.58 -8.08
N ASP A 157 4.72 -2.94 -7.12
CA ASP A 157 5.40 -2.62 -5.87
C ASP A 157 4.40 -2.59 -4.70
N LEU A 158 3.66 -3.68 -4.55
CA LEU A 158 2.69 -3.77 -3.47
C LEU A 158 3.41 -4.08 -2.16
N ALA A 159 3.29 -3.17 -1.19
CA ALA A 159 3.99 -3.28 0.08
C ALA A 159 3.32 -2.28 1.02
N THR A 160 3.41 -2.47 2.34
CA THR A 160 2.67 -1.55 3.22
C THR A 160 3.18 -0.11 3.11
N ARG A 161 4.45 0.10 2.74
CA ARG A 161 4.95 1.47 2.54
C ARG A 161 4.17 2.23 1.45
N ASN A 162 3.42 1.52 0.62
CA ASN A 162 2.63 2.14 -0.46
C ASN A 162 1.13 2.13 -0.20
N CYS A 163 0.76 1.89 1.08
CA CYS A 163 -0.62 2.02 1.54
C CYS A 163 -0.69 3.17 2.54
N LEU A 164 -1.90 3.71 2.71
CA LEU A 164 -2.13 4.86 3.59
C LEU A 164 -3.26 4.56 4.56
N VAL A 165 -3.18 5.19 5.72
CA VAL A 165 -4.14 4.97 6.79
C VAL A 165 -4.81 6.28 7.15
N GLY A 166 -6.13 6.28 7.13
CA GLY A 166 -6.86 7.50 7.38
C GLY A 166 -7.64 7.44 8.68
N GLN A 167 -8.53 8.41 8.86
CA GLN A 167 -9.40 8.50 10.03
C GLN A 167 -10.10 7.17 10.32
N GLY A 168 -10.05 6.75 11.57
CA GLY A 168 -10.73 5.55 12.01
C GLY A 168 -10.23 4.27 11.36
N LEU A 169 -8.95 4.25 10.98
CA LEU A 169 -8.31 3.04 10.48
C LEU A 169 -8.82 2.57 9.12
N VAL A 170 -9.31 3.50 8.30
CA VAL A 170 -9.55 3.17 6.90
C VAL A 170 -8.18 3.04 6.24
N VAL A 171 -8.01 2.01 5.44
CA VAL A 171 -6.73 1.74 4.81
C VAL A 171 -6.94 1.67 3.30
N LYS A 172 -6.07 2.34 2.56
CA LYS A 172 -6.20 2.37 1.10
C LYS A 172 -4.82 2.21 0.48
N ILE A 173 -4.81 1.67 -0.73
CA ILE A 173 -3.63 1.67 -1.55
C ILE A 173 -3.35 3.13 -1.89
N GLY A 174 -2.11 3.57 -1.68
CA GLY A 174 -1.83 4.99 -1.74
C GLY A 174 -0.88 5.42 -2.84
N ASP A 175 -0.01 4.53 -3.28
CA ASP A 175 0.94 4.84 -4.32
C ASP A 175 1.03 3.67 -5.27
N PHE A 176 0.96 3.94 -6.56
CA PHE A 176 0.95 2.87 -7.54
C PHE A 176 2.26 2.43 -8.10
N GLY A 177 3.32 3.15 -7.79
CA GLY A 177 4.60 2.79 -8.32
C GLY A 177 4.62 2.94 -9.83
N MET A 178 4.15 4.08 -10.32
CA MET A 178 4.14 4.37 -11.74
C MET A 178 5.33 5.27 -11.96
N SER A 184 16.28 3.60 0.40
CA SER A 184 15.36 2.51 0.74
C SER A 184 16.03 1.15 0.56
N THR A 185 16.07 0.37 1.64
CA THR A 185 16.70 -0.95 1.60
C THR A 185 15.71 -2.04 1.19
N ASP A 186 14.48 -1.63 0.88
CA ASP A 186 13.46 -2.54 0.38
C ASP A 186 13.65 -2.78 -1.12
N TYR A 187 14.67 -2.14 -1.68
CA TYR A 187 14.94 -2.27 -3.11
C TYR A 187 16.38 -2.67 -3.38
N TYR A 188 16.61 -3.25 -4.56
CA TYR A 188 17.91 -3.74 -4.98
C TYR A 188 18.25 -3.17 -6.38
N ARG A 189 19.52 -2.85 -6.62
CA ARG A 189 19.96 -2.30 -7.91
C ARG A 189 20.38 -3.39 -8.90
N THR A 194 17.40 -0.53 -12.86
CA THR A 194 16.15 -0.33 -12.16
C THR A 194 16.26 -0.70 -10.68
N MET A 195 15.17 -0.52 -9.93
CA MET A 195 15.11 -0.90 -8.52
C MET A 195 13.98 -1.91 -8.31
N LEU A 196 14.32 -3.12 -7.89
CA LEU A 196 13.28 -4.11 -7.68
C LEU A 196 13.02 -4.31 -6.18
N PRO A 197 11.73 -4.20 -5.76
CA PRO A 197 11.30 -4.48 -4.39
C PRO A 197 11.40 -5.98 -4.18
N ILE A 198 12.64 -6.44 -4.23
CA ILE A 198 12.96 -7.82 -4.47
C ILE A 198 12.36 -8.71 -3.41
N ARG A 199 12.31 -8.22 -2.16
CA ARG A 199 11.81 -9.02 -1.05
C ARG A 199 10.33 -9.31 -1.16
N TRP A 200 9.61 -8.52 -1.97
CA TRP A 200 8.16 -8.73 -2.18
C TRP A 200 7.87 -9.53 -3.46
N MET A 201 8.91 -9.89 -4.20
CA MET A 201 8.68 -10.50 -5.53
C MET A 201 8.63 -12.02 -5.53
N PRO A 202 7.74 -12.62 -6.36
CA PRO A 202 7.67 -14.07 -6.56
C PRO A 202 8.80 -14.62 -7.42
N PRO A 203 9.01 -15.95 -7.38
CA PRO A 203 10.07 -16.57 -8.19
C PRO A 203 9.98 -16.23 -9.67
N GLU A 204 8.77 -16.12 -10.24
CA GLU A 204 8.66 -15.96 -11.69
C GLU A 204 9.07 -14.54 -12.10
N SER A 205 9.00 -13.61 -11.14
CA SER A 205 9.45 -12.24 -11.39
C SER A 205 10.97 -12.15 -11.35
N ILE A 206 11.55 -12.71 -10.30
CA ILE A 206 13.01 -12.78 -10.19
C ILE A 206 13.66 -13.59 -11.32
N LEU A 207 13.11 -14.77 -11.61
CA LEU A 207 13.72 -15.68 -12.58
C LEU A 207 13.40 -15.35 -14.03
N TYR A 208 12.14 -15.05 -14.35
CA TYR A 208 11.75 -14.92 -15.75
C TYR A 208 11.36 -13.50 -16.12
N ARG A 209 11.45 -12.59 -15.15
CA ARG A 209 11.04 -11.20 -15.35
C ARG A 209 9.55 -11.08 -15.76
N LYS A 210 8.72 -11.97 -15.23
CA LYS A 210 7.28 -11.93 -15.48
C LYS A 210 6.55 -11.40 -14.25
N PHE A 211 5.68 -10.42 -14.44
CA PHE A 211 4.86 -9.99 -13.33
CA PHE A 211 4.87 -9.88 -13.36
C PHE A 211 3.40 -9.90 -13.77
N THR A 212 2.55 -10.65 -13.06
CA THR A 212 1.14 -10.76 -13.41
C THR A 212 0.26 -10.49 -12.21
N THR A 213 -1.06 -10.66 -12.36
CA THR A 213 -1.94 -10.47 -11.22
C THR A 213 -1.65 -11.52 -10.16
N GLU A 214 -1.25 -12.71 -10.60
CA GLU A 214 -0.87 -13.78 -9.69
C GLU A 214 0.40 -13.42 -8.91
N SER A 215 1.27 -12.63 -9.53
CA SER A 215 2.47 -12.13 -8.86
C SER A 215 2.07 -11.17 -7.75
N ASP A 216 0.97 -10.45 -7.96
CA ASP A 216 0.46 -9.55 -6.94
C ASP A 216 -0.13 -10.32 -5.76
N VAL A 217 -0.65 -11.52 -6.02
CA VAL A 217 -1.13 -12.36 -4.93
C VAL A 217 0.04 -12.73 -4.01
N TRP A 218 1.16 -13.10 -4.63
CA TRP A 218 2.38 -13.39 -3.86
C TRP A 218 2.78 -12.19 -3.02
N SER A 219 2.96 -11.04 -3.66
CA SER A 219 3.30 -9.82 -2.94
C SER A 219 2.32 -9.51 -1.83
N PHE A 220 1.03 -9.76 -2.07
CA PHE A 220 0.05 -9.49 -1.03
C PHE A 220 0.28 -10.41 0.16
N GLY A 221 0.70 -11.64 -0.09
CA GLY A 221 1.08 -12.54 0.97
C GLY A 221 2.18 -11.92 1.82
N VAL A 222 3.13 -11.26 1.16
CA VAL A 222 4.20 -10.62 1.91
C VAL A 222 3.66 -9.40 2.69
N VAL A 223 2.72 -8.66 2.09
CA VAL A 223 2.05 -7.58 2.82
C VAL A 223 1.35 -8.10 4.10
N LEU A 224 0.72 -9.26 3.97
CA LEU A 224 0.04 -9.90 5.08
C LEU A 224 1.03 -10.16 6.22
N TRP A 225 2.22 -10.64 5.86
CA TRP A 225 3.30 -10.86 6.80
C TRP A 225 3.77 -9.55 7.44
N GLU A 226 3.92 -8.51 6.63
CA GLU A 226 4.28 -7.19 7.15
C GLU A 226 3.30 -6.73 8.24
N ILE A 227 2.02 -6.85 7.94
CA ILE A 227 0.96 -6.45 8.86
C ILE A 227 1.06 -7.20 10.19
N PHE A 228 1.20 -8.52 10.09
CA PHE A 228 1.19 -9.30 11.31
C PHE A 228 2.54 -9.31 12.05
N THR A 229 3.56 -8.68 11.47
CA THR A 229 4.79 -8.46 12.24
C THR A 229 4.91 -7.00 12.67
N TYR A 230 3.84 -6.23 12.49
CA TYR A 230 3.84 -4.81 12.77
C TYR A 230 4.90 -4.08 11.96
N GLY A 231 5.04 -4.48 10.70
CA GLY A 231 5.85 -3.76 9.75
C GLY A 231 7.32 -4.12 9.65
N LYS A 232 7.71 -5.31 10.12
CA LYS A 232 9.09 -5.74 9.92
C LYS A 232 9.40 -5.92 8.45
N GLN A 233 10.67 -5.75 8.09
CA GLN A 233 11.13 -6.03 6.74
C GLN A 233 11.26 -7.53 6.52
N PRO A 234 10.67 -8.05 5.42
CA PRO A 234 10.80 -9.47 5.06
C PRO A 234 12.27 -9.83 4.93
N TRP A 235 12.67 -10.98 5.48
CA TRP A 235 14.06 -11.43 5.48
C TRP A 235 15.05 -10.37 6.03
N TYR A 236 14.64 -9.61 7.04
CA TYR A 236 15.47 -8.48 7.50
C TYR A 236 16.86 -8.89 7.96
N GLN A 237 17.00 -10.15 8.35
CA GLN A 237 18.30 -10.68 8.74
C GLN A 237 19.25 -10.85 7.53
N LEU A 238 18.70 -10.95 6.34
CA LEU A 238 19.49 -11.20 5.17
C LEU A 238 19.75 -10.13 4.17
N SER A 239 20.82 -10.29 3.42
CA SER A 239 21.11 -9.39 2.30
C SER A 239 20.11 -9.56 1.15
N ASN A 240 20.15 -8.65 0.18
CA ASN A 240 19.27 -8.74 -0.98
C ASN A 240 19.49 -10.05 -1.78
N THR A 241 20.73 -10.45 -1.96
CA THR A 241 21.00 -11.67 -2.72
C THR A 241 20.64 -12.90 -1.91
N GLU A 242 20.83 -12.82 -0.59
CA GLU A 242 20.43 -13.92 0.27
C GLU A 242 18.92 -14.10 0.26
N ALA A 243 18.18 -12.99 0.23
CA ALA A 243 16.72 -13.07 0.14
C ALA A 243 16.27 -13.63 -1.22
N ILE A 244 16.94 -13.21 -2.28
CA ILE A 244 16.70 -13.78 -3.61
C ILE A 244 16.92 -15.29 -3.61
N ASP A 245 18.00 -15.74 -2.97
CA ASP A 245 18.22 -17.17 -2.77
C ASP A 245 17.05 -17.85 -2.07
N CYS A 246 16.55 -17.27 -0.97
CA CYS A 246 15.41 -17.85 -0.25
C CYS A 246 14.17 -17.99 -1.12
N ILE A 247 13.81 -16.89 -1.78
CA ILE A 247 12.62 -16.86 -2.61
C ILE A 247 12.69 -17.87 -3.76
N THR A 248 13.84 -17.99 -4.40
CA THR A 248 13.91 -18.86 -5.57
C THR A 248 14.16 -20.32 -5.15
N GLN A 249 14.57 -20.54 -3.91
CA GLN A 249 14.81 -21.90 -3.44
C GLN A 249 13.62 -22.44 -2.66
N GLY A 250 12.58 -21.62 -2.52
CA GLY A 250 11.34 -22.07 -1.93
C GLY A 250 11.23 -21.97 -0.43
N ARG A 251 12.14 -21.24 0.22
CA ARG A 251 12.01 -20.98 1.64
C ARG A 251 10.95 -19.91 1.87
N GLU A 252 10.10 -20.10 2.88
CA GLU A 252 9.03 -19.16 3.14
C GLU A 252 9.22 -18.41 4.46
N LEU A 253 8.74 -17.17 4.50
CA LEU A 253 8.74 -16.39 5.71
C LEU A 253 8.00 -17.16 6.83
N GLU A 254 8.53 -17.11 8.03
CA GLU A 254 7.97 -17.87 9.15
C GLU A 254 6.72 -17.19 9.69
N ARG A 255 5.88 -17.95 10.37
CA ARG A 255 4.65 -17.38 10.92
C ARG A 255 4.96 -16.32 11.99
N PRO A 256 4.40 -15.13 11.83
CA PRO A 256 4.54 -14.12 12.90
C PRO A 256 3.90 -14.58 14.21
N ARG A 257 4.47 -14.17 15.33
CA ARG A 257 3.95 -14.53 16.65
C ARG A 257 2.51 -14.04 16.83
N ALA A 258 2.18 -12.90 16.25
CA ALA A 258 0.82 -12.35 16.38
C ALA A 258 -0.16 -12.90 15.33
N CYS A 259 0.29 -13.86 14.52
CA CYS A 259 -0.49 -14.37 13.39
C CYS A 259 -1.13 -15.74 13.67
N PRO A 260 -2.47 -15.80 13.70
CA PRO A 260 -3.13 -17.09 13.92
C PRO A 260 -2.86 -18.04 12.76
N PRO A 261 -2.93 -19.36 13.03
CA PRO A 261 -2.67 -20.36 11.99
C PRO A 261 -3.58 -20.20 10.76
N GLU A 262 -4.82 -19.75 10.94
CA GLU A 262 -5.73 -19.53 9.82
C GLU A 262 -5.19 -18.47 8.88
N VAL A 263 -4.61 -17.43 9.45
CA VAL A 263 -4.09 -16.36 8.63
C VAL A 263 -2.80 -16.80 7.95
N TYR A 264 -1.99 -17.59 8.66
CA TYR A 264 -0.75 -18.07 8.07
C TYR A 264 -1.03 -19.01 6.89
N ALA A 265 -2.13 -19.77 6.95
CA ALA A 265 -2.52 -20.65 5.84
C ALA A 265 -2.83 -19.81 4.60
N ILE A 266 -3.43 -18.64 4.81
CA ILE A 266 -3.72 -17.71 3.71
C ILE A 266 -2.44 -17.18 3.06
N MET A 267 -1.49 -16.73 3.89
CA MET A 267 -0.16 -16.35 3.41
C MET A 267 0.44 -17.45 2.56
N ARG A 268 0.42 -18.68 3.09
CA ARG A 268 1.07 -19.81 2.41
C ARG A 268 0.40 -20.13 1.08
N GLY A 269 -0.91 -19.89 0.98
CA GLY A 269 -1.63 -20.08 -0.29
C GLY A 269 -1.15 -19.08 -1.33
N CYS A 270 -0.72 -17.91 -0.84
CA CYS A 270 -0.19 -16.86 -1.72
C CYS A 270 1.19 -17.19 -2.26
N TRP A 271 1.89 -18.10 -1.59
CA TRP A 271 3.31 -18.30 -1.85
C TRP A 271 3.59 -19.61 -2.57
N GLN A 272 2.57 -20.15 -3.25
CA GLN A 272 2.74 -21.29 -4.13
C GLN A 272 3.78 -20.91 -5.18
N ARG A 273 4.71 -21.80 -5.47
CA ARG A 273 5.68 -21.51 -6.52
C ARG A 273 5.02 -21.34 -7.88
N GLU A 274 4.12 -22.25 -8.23
CA GLU A 274 3.39 -22.13 -9.49
C GLU A 274 2.27 -21.11 -9.36
N PRO A 275 2.33 -20.04 -10.16
CA PRO A 275 1.36 -18.94 -10.09
C PRO A 275 -0.08 -19.43 -10.17
N GLN A 276 -0.33 -20.44 -11.00
CA GLN A 276 -1.69 -20.92 -11.26
C GLN A 276 -2.30 -21.63 -10.04
N GLN A 277 -1.46 -22.03 -9.09
CA GLN A 277 -1.97 -22.70 -7.89
C GLN A 277 -2.14 -21.76 -6.69
N ARG A 278 -1.78 -20.49 -6.87
CA ARG A 278 -2.11 -19.48 -5.87
C ARG A 278 -3.59 -19.19 -5.96
N HIS A 279 -4.23 -18.91 -4.83
CA HIS A 279 -5.63 -18.56 -4.82
C HIS A 279 -5.79 -17.16 -5.37
N SER A 280 -6.96 -16.87 -5.94
CA SER A 280 -7.25 -15.55 -6.49
C SER A 280 -7.31 -14.52 -5.38
N ILE A 281 -7.09 -13.25 -5.72
CA ILE A 281 -7.15 -12.19 -4.73
C ILE A 281 -8.58 -12.08 -4.21
N LYS A 282 -9.56 -12.43 -5.04
CA LYS A 282 -10.95 -12.42 -4.60
C LYS A 282 -11.16 -13.42 -3.47
N ASP A 283 -10.62 -14.62 -3.63
CA ASP A 283 -10.71 -15.66 -2.62
C ASP A 283 -9.96 -15.27 -1.33
N VAL A 284 -8.80 -14.67 -1.48
CA VAL A 284 -8.00 -14.24 -0.34
C VAL A 284 -8.74 -13.18 0.46
N HIS A 285 -9.25 -12.17 -0.22
CA HIS A 285 -10.05 -11.12 0.42
C HIS A 285 -11.27 -11.70 1.15
N ALA A 286 -11.94 -12.66 0.51
CA ALA A 286 -13.15 -13.23 1.08
C ALA A 286 -12.86 -13.94 2.41
N ARG A 287 -11.75 -14.68 2.46
CA ARG A 287 -11.39 -15.38 3.69
C ARG A 287 -10.93 -14.38 4.78
N LEU A 288 -10.20 -13.34 4.37
CA LEU A 288 -9.75 -12.32 5.32
C LEU A 288 -10.94 -11.57 5.91
N GLN A 289 -11.90 -11.22 5.07
CA GLN A 289 -13.06 -10.46 5.53
C GLN A 289 -13.92 -11.31 6.46
N ALA A 290 -13.97 -12.62 6.21
CA ALA A 290 -14.74 -13.50 7.07
C ALA A 290 -14.10 -13.55 8.46
N LEU A 291 -12.78 -13.68 8.50
CA LEU A 291 -12.05 -13.67 9.75
C LEU A 291 -12.21 -12.32 10.48
N ALA A 292 -12.10 -11.23 9.72
CA ALA A 292 -12.30 -9.89 10.27
C ALA A 292 -13.65 -9.74 10.95
N GLN A 293 -14.67 -10.40 10.42
CA GLN A 293 -16.02 -10.29 10.97
C GLN A 293 -16.20 -11.21 12.17
N ALA A 294 -15.30 -12.18 12.31
CA ALA A 294 -15.35 -13.11 13.44
C ALA A 294 -13.95 -13.61 13.76
N PRO A 295 -13.16 -12.78 14.46
CA PRO A 295 -11.74 -13.05 14.69
C PRO A 295 -11.52 -14.24 15.61
N PRO A 296 -10.74 -15.25 15.16
CA PRO A 296 -10.47 -16.43 15.98
C PRO A 296 -9.71 -16.06 17.25
N VAL A 297 -10.00 -16.74 18.36
CA VAL A 297 -9.25 -16.50 19.59
C VAL A 297 -7.83 -17.04 19.39
N TYR A 298 -6.84 -16.29 19.87
CA TYR A 298 -5.45 -16.65 19.66
C TYR A 298 -4.53 -15.99 20.69
N LEU A 299 -3.72 -16.80 21.35
CA LEU A 299 -2.69 -16.31 22.27
C LEU A 299 -1.38 -17.05 21.99
N ASP A 300 -0.37 -16.82 22.82
CA ASP A 300 0.85 -17.63 22.80
C ASP A 300 1.54 -17.61 21.43
#